data_3DM1
#
_entry.id   3DM1
#
_cell.length_a   83.671
_cell.length_b   83.671
_cell.length_c   110.288
_cell.angle_alpha   90.00
_cell.angle_beta   90.00
_cell.angle_gamma   120.00
#
_symmetry.space_group_name_H-M   'P 32 2 1'
#
loop_
_entity.id
_entity.type
_entity.pdbx_description
1 polymer 'Chromobox protein homolog 3'
2 polymer 'Histone-lysine N-methyltransferase, H3 lysine-9 specific 3'
3 water water
#
loop_
_entity_poly.entity_id
_entity_poly.type
_entity_poly.pdbx_seq_one_letter_code
_entity_poly.pdbx_strand_id
1 'polypeptide(L)' EFVVEKVLDRRVVNGKVEYFLKWKGFTDADNTWEPEENLDCPELIEAFLNSQKAGKEK A,C,E,G
2 'polypeptide(L)' KVHRAR(M3L)TMSKP B,D,F,H
#
# COMPACT_ATOMS: atom_id res chain seq x y z
N GLU A 1 -0.53 -3.83 -23.99
CA GLU A 1 0.03 -3.36 -22.70
C GLU A 1 1.51 -3.25 -22.82
N PHE A 2 2.07 -2.31 -22.07
CA PHE A 2 3.48 -1.99 -22.03
C PHE A 2 3.84 -1.79 -20.58
N VAL A 3 5.11 -1.98 -20.24
CA VAL A 3 5.61 -1.88 -18.92
C VAL A 3 5.67 -0.40 -18.57
N VAL A 4 5.31 -0.08 -17.32
CA VAL A 4 5.22 1.29 -16.84
C VAL A 4 6.51 1.52 -16.12
N GLU A 5 7.27 2.57 -16.40
CA GLU A 5 8.45 2.75 -15.62
C GLU A 5 8.15 3.56 -14.36
N LYS A 6 7.35 4.62 -14.52
CA LYS A 6 6.98 5.52 -13.45
C LYS A 6 5.69 6.26 -13.75
N VAL A 7 5.03 6.66 -12.65
CA VAL A 7 3.83 7.49 -12.64
C VAL A 7 4.26 8.90 -12.28
N LEU A 8 3.94 9.88 -13.16
CA LEU A 8 4.52 11.24 -13.02
C LEU A 8 3.54 12.29 -12.49
N ASP A 9 2.26 12.01 -12.74
CA ASP A 9 1.25 12.98 -12.37
C ASP A 9 -0.16 12.37 -12.38
N ARG A 10 -1.11 13.09 -11.81
CA ARG A 10 -2.53 12.64 -11.74
C ARG A 10 -3.41 13.84 -12.02
N ARG A 11 -4.50 13.64 -12.70
CA ARG A 11 -5.48 14.69 -12.96
C ARG A 11 -6.86 14.07 -13.00
N VAL A 12 -7.89 14.90 -12.79
CA VAL A 12 -9.29 14.44 -12.89
C VAL A 12 -9.95 15.16 -14.04
N VAL A 13 -10.52 14.41 -14.95
CA VAL A 13 -11.15 15.00 -16.14
C VAL A 13 -12.65 14.64 -16.15
N ASN A 14 -13.50 15.62 -15.81
CA ASN A 14 -14.94 15.38 -15.58
C ASN A 14 -15.20 14.07 -14.79
N GLY A 15 -14.92 14.09 -13.49
CA GLY A 15 -14.99 12.86 -12.65
C GLY A 15 -13.91 11.79 -12.88
N LYS A 16 -13.41 11.68 -14.11
CA LYS A 16 -12.52 10.58 -14.53
C LYS A 16 -11.02 10.77 -14.14
N VAL A 17 -10.49 9.91 -13.27
CA VAL A 17 -9.08 9.96 -12.86
C VAL A 17 -8.19 9.42 -13.96
N GLU A 18 -7.12 10.16 -14.28
CA GLU A 18 -6.14 9.72 -15.28
C GLU A 18 -4.76 9.88 -14.69
N TYR A 19 -3.76 9.16 -15.21
CA TYR A 19 -2.36 9.33 -14.74
C TYR A 19 -1.40 9.48 -15.91
N PHE A 20 -0.36 10.28 -15.69
CA PHE A 20 0.72 10.59 -16.67
C PHE A 20 1.84 9.57 -16.44
N LEU A 21 2.00 8.65 -17.38
CA LEU A 21 2.98 7.56 -17.31
C LEU A 21 4.24 7.73 -18.16
N LYS A 22 5.41 7.44 -17.58
CA LYS A 22 6.56 7.06 -18.39
C LYS A 22 6.54 5.54 -18.64
N TRP A 23 6.75 5.15 -19.89
CA TRP A 23 6.75 3.76 -20.31
C TRP A 23 8.18 3.31 -20.37
N LYS A 24 8.45 2.08 -19.90
CA LYS A 24 9.85 1.61 -19.75
C LYS A 24 10.45 1.38 -21.11
N GLY A 25 11.69 1.88 -21.29
CA GLY A 25 12.39 1.78 -22.57
C GLY A 25 11.84 2.66 -23.72
N PHE A 26 11.09 3.72 -23.37
CA PHE A 26 10.60 4.75 -24.27
C PHE A 26 11.03 6.05 -23.61
N THR A 27 11.25 7.10 -24.39
CA THR A 27 11.66 8.41 -23.86
C THR A 27 10.44 9.19 -23.34
N ASP A 28 10.69 10.33 -22.69
CA ASP A 28 9.60 11.20 -22.24
C ASP A 28 8.65 11.65 -23.33
N ALA A 29 9.11 11.78 -24.57
CA ALA A 29 8.25 12.18 -25.69
C ALA A 29 7.09 11.26 -25.89
N ASP A 30 7.24 10.04 -25.38
CA ASP A 30 6.20 9.00 -25.48
C ASP A 30 5.29 8.94 -24.21
N ASN A 31 5.50 9.79 -23.20
CA ASN A 31 4.63 9.77 -22.02
C ASN A 31 3.21 10.00 -22.42
N THR A 32 2.25 9.35 -21.75
CA THR A 32 0.83 9.48 -22.08
C THR A 32 0.01 9.60 -20.80
N TRP A 33 -1.20 10.13 -20.93
CA TRP A 33 -2.14 10.24 -19.85
C TRP A 33 -3.00 9.06 -20.10
N GLU A 34 -3.22 8.23 -19.06
CA GLU A 34 -4.08 7.03 -19.20
C GLU A 34 -5.19 7.00 -18.16
N PRO A 35 -6.40 6.57 -18.55
CA PRO A 35 -7.48 6.48 -17.55
C PRO A 35 -7.13 5.40 -16.53
N GLU A 36 -7.55 5.58 -15.30
CA GLU A 36 -7.21 4.62 -14.26
C GLU A 36 -7.46 3.14 -14.60
N GLU A 37 -8.47 2.84 -15.36
CA GLU A 37 -8.84 1.48 -15.60
C GLU A 37 -7.92 0.85 -16.61
N ASN A 38 -6.95 1.62 -17.10
CA ASN A 38 -5.91 1.08 -17.98
C ASN A 38 -4.73 0.52 -17.16
N LEU A 39 -4.70 0.83 -15.87
CA LEU A 39 -3.63 0.41 -14.98
C LEU A 39 -4.04 -0.92 -14.24
N ASP A 40 -3.07 -1.72 -13.79
CA ASP A 40 -3.41 -2.96 -13.11
C ASP A 40 -3.72 -2.66 -11.66
N CYS A 41 -3.02 -1.67 -11.10
CA CYS A 41 -3.19 -1.30 -9.74
C CYS A 41 -3.20 0.22 -9.53
N PRO A 42 -4.24 0.93 -9.98
CA PRO A 42 -4.25 2.41 -9.65
C PRO A 42 -4.35 2.70 -8.13
N GLU A 43 -4.88 1.75 -7.36
CA GLU A 43 -5.02 1.82 -5.88
C GLU A 43 -3.70 2.13 -5.19
N LEU A 44 -2.61 1.67 -5.75
CA LEU A 44 -1.30 1.96 -5.20
C LEU A 44 -0.95 3.46 -5.29
N ILE A 45 -1.34 4.10 -6.39
CA ILE A 45 -1.14 5.55 -6.49
C ILE A 45 -2.06 6.30 -5.52
N GLU A 46 -3.34 5.93 -5.53
CA GLU A 46 -4.32 6.51 -4.62
C GLU A 46 -3.90 6.35 -3.21
N ALA A 47 -3.58 5.10 -2.80
CA ALA A 47 -3.11 4.87 -1.41
C ALA A 47 -1.88 5.69 -1.06
N PHE A 48 -0.93 5.80 -1.99
CA PHE A 48 0.29 6.60 -1.76
C PHE A 48 -0.06 8.08 -1.49
N LEU A 49 -0.95 8.64 -2.32
CA LEU A 49 -1.35 10.06 -2.22
C LEU A 49 -2.28 10.34 -1.06
N ASN A 50 -3.25 9.47 -0.81
CA ASN A 50 -4.21 9.68 0.27
C ASN A 50 -3.64 9.53 1.66
N SER A 51 -2.41 9.07 1.76
CA SER A 51 -1.79 8.86 3.07
C SER A 51 -0.92 10.07 3.42
N GLN A 52 -1.12 11.17 2.70
CA GLN A 52 -0.44 12.44 3.00
C GLN A 52 -1.28 13.71 2.69
N LYS B 1 6.57 -5.15 -7.77
CA LYS B 1 6.62 -5.94 -9.06
C LYS B 1 6.66 -5.03 -10.31
N VAL B 2 6.75 -5.67 -11.47
CA VAL B 2 6.71 -5.02 -12.74
C VAL B 2 5.25 -4.85 -13.14
N HIS B 3 4.84 -3.61 -13.39
CA HIS B 3 3.51 -3.32 -13.83
C HIS B 3 3.44 -2.95 -15.27
N ARG B 4 2.29 -3.24 -15.85
CA ARG B 4 2.00 -3.02 -17.23
C ARG B 4 0.64 -2.33 -17.28
N ALA B 5 0.37 -1.59 -18.36
CA ALA B 5 -0.89 -0.85 -18.49
C ALA B 5 -1.22 -0.77 -19.97
N ARG B 6 -2.51 -0.68 -20.31
CA ARG B 6 -2.91 -0.41 -21.67
C ARG B 6 -2.49 1.03 -22.05
N THR B 8 -2.87 4.06 -24.83
CA THR B 8 -3.93 4.57 -25.78
C THR B 8 -3.54 4.73 -27.27
N GLU C 1 -7.41 -14.27 -14.60
CA GLU C 1 -8.01 -15.65 -14.36
C GLU C 1 -9.16 -15.60 -13.35
N PHE C 2 -8.89 -15.57 -12.03
CA PHE C 2 -10.00 -15.77 -11.01
C PHE C 2 -10.04 -14.76 -9.85
N VAL C 3 -11.23 -14.52 -9.28
CA VAL C 3 -11.40 -13.64 -8.10
C VAL C 3 -10.78 -14.27 -6.84
N VAL C 4 -9.93 -13.52 -6.16
CA VAL C 4 -9.38 -13.97 -4.92
C VAL C 4 -10.28 -13.63 -3.72
N GLU C 5 -10.64 -14.63 -2.93
CA GLU C 5 -11.37 -14.39 -1.71
C GLU C 5 -10.48 -13.87 -0.59
N LYS C 6 -9.27 -14.38 -0.44
CA LYS C 6 -8.47 -13.99 0.71
C LYS C 6 -7.01 -14.29 0.43
N VAL C 7 -6.13 -13.43 0.90
CA VAL C 7 -4.74 -13.68 0.80
C VAL C 7 -4.35 -14.23 2.17
N LEU C 8 -3.83 -15.45 2.18
CA LEU C 8 -3.61 -16.19 3.43
C LEU C 8 -2.23 -16.09 4.01
N ASP C 9 -1.21 -15.97 3.15
CA ASP C 9 0.22 -16.02 3.62
C ASP C 9 1.08 -15.54 2.53
N ARG C 10 2.37 -15.39 2.82
CA ARG C 10 3.39 -14.92 1.86
CA ARG C 10 3.36 -15.00 1.83
C ARG C 10 4.64 -15.73 2.13
N ARG C 11 5.41 -16.02 1.08
CA ARG C 11 6.74 -16.60 1.30
C ARG C 11 7.70 -16.14 0.21
N VAL C 12 8.98 -16.47 0.42
CA VAL C 12 10.01 -16.35 -0.61
C VAL C 12 10.54 -17.76 -0.93
N VAL C 13 10.44 -18.17 -2.17
CA VAL C 13 11.09 -19.37 -2.62
C VAL C 13 11.85 -19.10 -3.90
N ASN C 14 13.10 -19.58 -3.94
CA ASN C 14 14.01 -19.40 -5.10
C ASN C 14 14.16 -17.95 -5.46
N GLY C 15 14.28 -17.12 -4.41
CA GLY C 15 14.37 -15.65 -4.50
C GLY C 15 13.13 -14.90 -4.91
N LYS C 16 11.98 -15.58 -5.01
CA LYS C 16 10.74 -14.96 -5.52
C LYS C 16 9.61 -14.96 -4.47
N VAL C 17 8.82 -13.89 -4.46
CA VAL C 17 7.77 -13.73 -3.48
C VAL C 17 6.52 -14.37 -4.00
N GLU C 18 5.93 -15.22 -3.13
CA GLU C 18 4.66 -15.81 -3.48
C GLU C 18 3.63 -15.59 -2.39
N TYR C 19 2.38 -15.61 -2.80
CA TYR C 19 1.21 -15.42 -1.95
C TYR C 19 0.33 -16.68 -1.98
N PHE C 20 -0.14 -17.08 -0.78
CA PHE C 20 -1.06 -18.23 -0.63
C PHE C 20 -2.49 -17.73 -0.69
N LEU C 21 -3.27 -18.17 -1.67
CA LEU C 21 -4.53 -17.57 -1.99
C LEU C 21 -5.68 -18.56 -1.82
N LYS C 22 -6.77 -18.09 -1.21
CA LYS C 22 -8.03 -18.74 -1.24
C LYS C 22 -8.81 -18.10 -2.37
N TRP C 23 -9.29 -18.91 -3.31
CA TRP C 23 -10.13 -18.48 -4.41
C TRP C 23 -11.67 -18.49 -4.09
N LYS C 24 -12.38 -17.46 -4.57
CA LYS C 24 -13.82 -17.37 -4.36
C LYS C 24 -14.56 -18.50 -5.05
N GLY C 25 -15.40 -19.18 -4.26
CA GLY C 25 -16.19 -20.34 -4.76
C GLY C 25 -15.38 -21.62 -4.98
N PHE C 26 -14.21 -21.74 -4.37
CA PHE C 26 -13.41 -22.98 -4.44
C PHE C 26 -13.09 -23.35 -3.01
N THR C 27 -12.89 -24.64 -2.74
CA THR C 27 -12.66 -25.16 -1.39
C THR C 27 -11.24 -24.80 -1.03
N ASP C 28 -10.85 -25.04 0.21
CA ASP C 28 -9.50 -24.87 0.67
C ASP C 28 -8.45 -25.81 0.01
N ALA C 29 -8.89 -26.94 -0.53
CA ALA C 29 -8.02 -27.89 -1.26
C ALA C 29 -7.51 -27.20 -2.50
N ASP C 30 -8.22 -26.15 -2.90
CA ASP C 30 -7.87 -25.47 -4.12
C ASP C 30 -6.99 -24.25 -3.86
N ASN C 31 -6.62 -23.98 -2.60
CA ASN C 31 -5.72 -22.90 -2.33
C ASN C 31 -4.41 -23.14 -3.02
N THR C 32 -3.77 -22.07 -3.51
CA THR C 32 -2.45 -22.19 -4.24
C THR C 32 -1.51 -21.07 -3.88
N TRP C 33 -0.21 -21.34 -3.94
CA TRP C 33 0.79 -20.33 -3.86
C TRP C 33 1.00 -19.81 -5.30
N GLU C 34 0.83 -18.51 -5.49
CA GLU C 34 0.99 -17.83 -6.78
C GLU C 34 2.11 -16.81 -6.73
N PRO C 35 2.97 -16.74 -7.77
CA PRO C 35 3.99 -15.66 -7.79
C PRO C 35 3.34 -14.27 -7.68
N GLU C 36 4.05 -13.31 -7.08
CA GLU C 36 3.58 -11.91 -6.99
C GLU C 36 3.10 -11.29 -8.33
N GLU C 37 3.81 -11.57 -9.43
CA GLU C 37 3.40 -11.20 -10.80
C GLU C 37 2.02 -11.62 -11.21
N ASN C 38 1.40 -12.53 -10.45
CA ASN C 38 0.00 -13.01 -10.75
C ASN C 38 -1.06 -12.15 -10.09
N LEU C 39 -0.63 -11.31 -9.14
CA LEU C 39 -1.48 -10.33 -8.48
C LEU C 39 -1.33 -8.89 -9.11
N ASP C 40 -2.44 -8.14 -9.19
CA ASP C 40 -2.45 -6.77 -9.60
C ASP C 40 -1.71 -5.91 -8.61
N CYS C 41 -1.89 -6.17 -7.32
CA CYS C 41 -1.38 -5.29 -6.25
C CYS C 41 -0.49 -5.95 -5.19
N PRO C 42 0.54 -6.66 -5.59
CA PRO C 42 1.23 -7.30 -4.51
C PRO C 42 1.92 -6.36 -3.54
N GLU C 43 2.20 -5.13 -3.94
CA GLU C 43 2.96 -4.24 -3.08
C GLU C 43 2.13 -3.84 -1.87
N LEU C 44 0.83 -3.75 -2.10
CA LEU C 44 -0.12 -3.38 -1.10
C LEU C 44 -0.38 -4.53 -0.10
N ILE C 45 -0.38 -5.77 -0.59
CA ILE C 45 -0.48 -6.95 0.24
C ILE C 45 0.71 -7.02 1.14
N GLU C 46 1.90 -6.87 0.55
CA GLU C 46 3.14 -6.80 1.32
C GLU C 46 3.26 -5.68 2.34
N ALA C 47 2.72 -4.51 2.01
CA ALA C 47 2.83 -3.34 2.94
C ALA C 47 2.06 -3.71 4.19
N PHE C 48 0.86 -4.28 4.02
CA PHE C 48 0.02 -4.63 5.13
C PHE C 48 0.60 -5.77 5.98
N LEU C 49 0.91 -6.92 5.35
CA LEU C 49 1.58 -8.02 6.04
C LEU C 49 2.80 -7.61 6.83
N ASN C 50 3.59 -6.72 6.26
CA ASN C 50 4.74 -6.14 6.96
C ASN C 50 4.37 -5.46 8.24
N SER C 51 3.27 -4.72 8.27
CA SER C 51 2.84 -4.11 9.53
C SER C 51 2.30 -5.18 10.53
N GLN C 52 1.74 -6.28 9.99
CA GLN C 52 1.10 -7.46 10.61
C GLN C 52 -0.45 -7.74 10.34
N VAL D 2 -11.84 -3.64 -9.97
CA VAL D 2 -12.38 -5.08 -9.91
C VAL D 2 -11.32 -6.18 -10.27
N HIS D 3 -10.64 -6.70 -9.25
CA HIS D 3 -9.40 -7.45 -9.50
C HIS D 3 -9.55 -8.96 -9.54
N ARG D 4 -8.83 -9.58 -10.48
CA ARG D 4 -8.61 -11.03 -10.52
C ARG D 4 -7.11 -11.35 -10.40
N ALA D 5 -6.77 -12.60 -10.15
CA ALA D 5 -5.38 -13.00 -10.11
C ALA D 5 -5.25 -14.14 -11.06
N ARG D 6 -4.06 -14.30 -11.63
CA ARG D 6 -3.81 -15.46 -12.47
C ARG D 6 -3.49 -16.71 -11.62
N THR D 8 -1.74 -20.09 -11.70
CA THR D 8 -0.67 -20.66 -12.60
C THR D 8 -0.92 -22.00 -13.30
N MET D 9 -1.58 -22.92 -12.59
CA MET D 9 -2.15 -24.11 -13.24
C MET D 9 -3.60 -23.88 -13.67
N SER D 10 -3.83 -23.41 -14.89
CA SER D 10 -5.19 -23.29 -15.47
C SER D 10 -5.13 -22.86 -16.96
N LYS D 11 -6.27 -22.88 -17.66
CA LYS D 11 -6.28 -22.60 -19.13
C LYS D 11 -6.05 -21.12 -19.49
N GLU E 1 3.82 15.67 15.35
CA GLU E 1 4.21 17.12 15.15
C GLU E 1 3.71 17.96 13.95
N PHE E 2 4.40 17.90 12.80
CA PHE E 2 4.05 18.81 11.67
C PHE E 2 3.45 18.06 10.51
N VAL E 3 2.51 18.71 9.82
CA VAL E 3 1.88 18.20 8.61
C VAL E 3 2.89 18.14 7.47
N VAL E 4 2.95 17.01 6.78
CA VAL E 4 3.88 16.81 5.69
C VAL E 4 3.19 17.32 4.42
N GLU E 5 3.90 18.11 3.60
CA GLU E 5 3.39 18.54 2.31
C GLU E 5 3.70 17.46 1.28
N LYS E 6 4.96 17.10 1.13
CA LYS E 6 5.32 16.13 0.13
C LYS E 6 6.49 15.31 0.62
N VAL E 7 6.47 14.02 0.26
CA VAL E 7 7.61 13.14 0.37
C VAL E 7 8.49 13.29 -0.90
N LEU E 8 9.75 13.67 -0.71
CA LEU E 8 10.59 14.05 -1.87
C LEU E 8 11.67 13.07 -2.27
N ASP E 9 12.17 12.28 -1.33
CA ASP E 9 13.34 11.46 -1.58
C ASP E 9 13.49 10.48 -0.46
N ARG E 10 14.39 9.52 -0.66
CA ARG E 10 14.58 8.38 0.22
C ARG E 10 16.05 8.07 0.25
N ARG E 11 16.58 7.75 1.43
CA ARG E 11 17.94 7.21 1.53
C ARG E 11 17.95 6.08 2.56
N VAL E 12 19.01 5.26 2.55
CA VAL E 12 19.26 4.31 3.61
C VAL E 12 20.54 4.77 4.32
N VAL E 13 20.43 5.19 5.59
CA VAL E 13 21.60 5.70 6.33
C VAL E 13 22.41 4.63 7.12
N ASN E 14 21.74 3.60 7.66
CA ASN E 14 22.46 2.44 8.29
C ASN E 14 21.59 1.19 8.35
N GLY E 15 21.21 0.70 7.17
CA GLY E 15 20.12 -0.29 7.08
C GLY E 15 18.75 0.32 7.38
N LYS E 16 18.76 1.57 7.86
CA LYS E 16 17.55 2.31 8.26
C LYS E 16 17.07 3.35 7.18
N VAL E 17 15.88 3.10 6.64
CA VAL E 17 15.18 4.00 5.69
C VAL E 17 14.83 5.41 6.26
N GLU E 18 15.19 6.45 5.51
CA GLU E 18 14.89 7.83 5.86
C GLU E 18 14.23 8.53 4.66
N TYR E 19 13.27 9.41 4.92
CA TYR E 19 12.60 10.18 3.88
C TYR E 19 12.87 11.68 4.03
N PHE E 20 13.08 12.37 2.88
CA PHE E 20 13.22 13.82 2.79
C PHE E 20 11.87 14.46 2.60
N LEU E 21 11.49 15.34 3.51
CA LEU E 21 10.12 15.85 3.51
C LEU E 21 10.02 17.34 3.32
N LYS E 22 8.96 17.78 2.65
CA LYS E 22 8.57 19.18 2.64
C LYS E 22 7.40 19.33 3.64
N TRP E 23 7.50 20.27 4.58
CA TRP E 23 6.46 20.53 5.56
C TRP E 23 5.40 21.61 5.20
N LYS E 24 4.11 21.31 5.35
CA LYS E 24 3.06 22.26 4.97
C LYS E 24 3.05 23.51 5.84
N GLY E 25 3.04 24.67 5.17
CA GLY E 25 3.27 25.98 5.83
C GLY E 25 4.74 26.39 5.98
N PHE E 26 5.68 25.59 5.44
CA PHE E 26 7.13 25.89 5.48
C PHE E 26 7.79 26.01 4.07
N THR E 27 9.11 26.22 4.04
CA THR E 27 9.78 26.42 2.74
C THR E 27 10.78 25.28 2.48
N ASP E 28 11.38 25.24 1.27
CA ASP E 28 12.37 24.20 0.92
C ASP E 28 13.62 24.27 1.78
N ALA E 29 13.81 25.40 2.45
CA ALA E 29 14.92 25.58 3.38
C ALA E 29 14.71 24.75 4.65
N ASP E 30 13.44 24.53 4.98
CA ASP E 30 12.97 23.70 6.10
C ASP E 30 12.46 22.39 5.49
N ASN E 31 13.40 21.62 4.94
CA ASN E 31 13.12 20.35 4.34
C ASN E 31 14.05 19.49 5.16
N THR E 32 13.59 18.29 5.56
CA THR E 32 14.34 17.45 6.52
C THR E 32 14.26 15.99 6.18
N TRP E 33 15.38 15.31 6.38
CA TRP E 33 15.43 13.88 6.38
C TRP E 33 14.87 13.34 7.70
N GLU E 34 13.79 12.54 7.62
CA GLU E 34 13.20 11.92 8.79
C GLU E 34 13.29 10.41 8.71
N PRO E 35 13.57 9.77 9.84
CA PRO E 35 13.56 8.32 9.85
C PRO E 35 12.16 7.73 9.61
N GLU E 36 12.16 6.57 8.99
CA GLU E 36 11.02 5.73 8.79
C GLU E 36 9.98 5.82 9.96
N GLU E 37 10.43 5.58 11.19
CA GLU E 37 9.59 5.60 12.38
C GLU E 37 8.79 6.89 12.61
N ASN E 38 9.24 8.01 12.05
CA ASN E 38 8.59 9.30 12.31
C ASN E 38 7.26 9.48 11.60
N LEU E 39 6.96 8.61 10.63
CA LEU E 39 5.81 8.71 9.79
C LEU E 39 4.78 7.68 10.19
N ASP E 40 3.49 7.97 9.94
CA ASP E 40 2.44 7.04 10.24
C ASP E 40 2.33 5.85 9.28
N CYS E 41 2.67 6.11 8.02
CA CYS E 41 2.33 5.20 6.95
C CYS E 41 3.53 4.98 6.04
N PRO E 42 4.72 4.68 6.61
CA PRO E 42 5.84 4.57 5.67
C PRO E 42 5.73 3.38 4.70
N GLU E 43 5.06 2.29 5.10
CA GLU E 43 4.81 1.13 4.21
C GLU E 43 4.16 1.49 2.90
N LEU E 44 3.32 2.51 2.92
CA LEU E 44 2.65 3.01 1.70
C LEU E 44 3.60 3.76 0.75
N ILE E 45 4.61 4.42 1.31
CA ILE E 45 5.70 5.03 0.55
C ILE E 45 6.58 3.95 -0.12
N GLU E 46 7.05 3.01 0.69
CA GLU E 46 7.76 1.83 0.19
C GLU E 46 7.00 1.12 -0.90
N ALA E 47 5.69 0.93 -0.66
CA ALA E 47 4.90 0.15 -1.60
C ALA E 47 4.90 0.80 -2.99
N PHE E 48 4.71 2.11 -2.99
CA PHE E 48 4.60 2.86 -4.22
C PHE E 48 5.92 2.84 -4.98
N LEU E 49 7.00 3.14 -4.29
CA LEU E 49 8.37 2.93 -4.84
C LEU E 49 8.69 1.54 -5.45
N ASN E 50 8.30 0.45 -4.78
CA ASN E 50 8.64 -0.95 -5.24
C ASN E 50 7.93 -1.27 -6.54
N SER E 51 6.97 -0.42 -6.80
CA SER E 51 6.18 -0.36 -7.98
C SER E 51 7.05 0.03 -9.20
N GLN E 52 8.11 0.77 -8.93
CA GLN E 52 8.83 1.46 -9.97
C GLN E 52 10.33 1.16 -9.93
N LYS E 53 10.69 -0.12 -9.70
CA LYS E 53 12.09 -0.60 -9.57
C LYS E 53 12.15 -2.12 -9.76
N LYS F 1 -6.51 10.86 6.87
CA LYS F 1 -6.29 11.83 5.73
C LYS F 1 -4.85 12.41 5.67
N VAL F 2 -4.69 13.63 6.18
CA VAL F 2 -3.36 14.16 6.48
C VAL F 2 -2.94 13.76 7.90
N HIS F 3 -1.70 13.34 7.92
CA HIS F 3 -1.06 12.85 9.06
C HIS F 3 -0.05 13.91 9.37
N ARG F 4 0.49 13.83 10.57
CA ARG F 4 1.69 14.55 10.89
C ARG F 4 2.83 13.56 10.93
N ALA F 5 4.04 14.07 10.82
CA ALA F 5 5.22 13.27 11.05
C ALA F 5 5.98 14.00 12.12
N ARG F 6 6.73 13.24 12.94
CA ARG F 6 7.67 13.86 13.85
C ARG F 6 8.84 14.38 13.09
N THR F 8 12.56 15.71 13.71
CA THR F 8 13.69 15.71 14.61
C THR F 8 14.03 17.12 15.11
N MET F 9 14.46 18.00 14.21
CA MET F 9 14.81 19.39 14.56
C MET F 9 13.61 20.28 15.00
N GLU G 1 -2.25 5.77 23.75
CA GLU G 1 -1.78 4.95 22.58
C GLU G 1 -0.96 3.77 23.05
N PHE G 2 -1.22 2.62 22.45
CA PHE G 2 -0.45 1.44 22.75
C PHE G 2 0.03 0.86 21.44
N VAL G 3 1.15 0.17 21.49
CA VAL G 3 1.74 -0.51 20.36
C VAL G 3 0.74 -1.57 19.85
N VAL G 4 0.46 -1.55 18.56
CA VAL G 4 -0.47 -2.53 17.97
C VAL G 4 0.36 -3.70 17.48
N GLU G 5 -0.09 -4.92 17.75
CA GLU G 5 0.67 -6.08 17.27
C GLU G 5 0.10 -6.48 15.94
N LYS G 6 -1.21 -6.50 15.83
CA LYS G 6 -1.76 -6.80 14.55
C LYS G 6 -3.26 -6.53 14.51
N VAL G 7 -3.81 -6.40 13.32
CA VAL G 7 -5.22 -6.17 13.15
C VAL G 7 -5.80 -7.52 12.79
N LEU G 8 -6.87 -7.91 13.48
CA LEU G 8 -7.44 -9.26 13.35
C LEU G 8 -8.77 -9.27 12.64
N ASP G 9 -9.52 -8.18 12.62
CA ASP G 9 -10.87 -8.23 12.05
C ASP G 9 -11.34 -6.82 11.80
N ARG G 10 -12.42 -6.69 11.05
CA ARG G 10 -12.98 -5.40 10.70
C ARG G 10 -14.50 -5.53 10.63
N ARG G 11 -15.20 -4.48 11.07
CA ARG G 11 -16.67 -4.42 11.03
C ARG G 11 -17.13 -3.00 10.89
N VAL G 12 -18.33 -2.82 10.36
CA VAL G 12 -18.97 -1.50 10.28
C VAL G 12 -20.14 -1.40 11.30
N VAL G 13 -20.09 -0.37 12.13
CA VAL G 13 -21.16 -0.13 13.12
C VAL G 13 -21.61 1.33 13.00
N ASN G 14 -22.88 1.52 12.61
CA ASN G 14 -23.46 2.87 12.46
C ASN G 14 -22.73 3.64 11.36
N GLY G 15 -22.54 2.99 10.22
CA GLY G 15 -21.70 3.51 9.14
C GLY G 15 -20.35 4.05 9.57
N LYS G 16 -19.71 3.38 10.54
CA LYS G 16 -18.32 3.70 10.90
C LYS G 16 -17.47 2.44 11.05
N VAL G 17 -16.30 2.45 10.40
CA VAL G 17 -15.44 1.27 10.39
C VAL G 17 -14.71 1.13 11.74
N GLU G 18 -14.64 -0.11 12.20
CA GLU G 18 -13.93 -0.46 13.41
C GLU G 18 -13.08 -1.68 13.12
N TYR G 19 -11.93 -1.76 13.80
CA TYR G 19 -10.99 -2.84 13.64
C TYR G 19 -10.77 -3.51 14.98
N PHE G 20 -10.64 -4.84 14.98
CA PHE G 20 -10.29 -5.60 16.16
C PHE G 20 -8.78 -5.76 16.32
N LEU G 21 -8.21 -5.32 17.44
CA LEU G 21 -6.77 -5.26 17.55
C LEU G 21 -6.24 -6.16 18.59
N LYS G 22 -5.07 -6.71 18.30
CA LYS G 22 -4.30 -7.41 19.27
C LYS G 22 -3.18 -6.41 19.63
N TRP G 23 -3.02 -6.22 20.93
CA TRP G 23 -2.15 -5.26 21.51
C TRP G 23 -0.86 -5.97 21.91
N LYS G 24 0.31 -5.31 21.80
CA LYS G 24 1.60 -5.95 22.10
C LYS G 24 1.78 -6.08 23.58
N GLY G 25 2.26 -7.23 24.04
CA GLY G 25 2.49 -7.47 25.47
C GLY G 25 1.20 -7.62 26.24
N PHE G 26 0.09 -7.84 25.53
CA PHE G 26 -1.19 -8.08 26.12
C PHE G 26 -1.65 -9.43 25.57
N THR G 27 -2.68 -10.00 26.16
CA THR G 27 -3.11 -11.33 25.80
C THR G 27 -4.35 -11.18 24.94
N ASP G 28 -4.78 -12.24 24.28
CA ASP G 28 -5.97 -12.14 23.41
C ASP G 28 -7.28 -11.68 24.08
N ALA G 29 -7.37 -11.76 25.41
CA ALA G 29 -8.65 -11.42 26.08
C ALA G 29 -8.79 -9.90 26.21
N ASP G 30 -7.62 -9.26 26.29
CA ASP G 30 -7.39 -7.81 26.21
C ASP G 30 -7.59 -7.17 24.80
N ASN G 31 -7.92 -7.94 23.77
CA ASN G 31 -8.12 -7.37 22.43
C ASN G 31 -9.38 -6.53 22.46
N THR G 32 -9.45 -5.51 21.59
CA THR G 32 -10.52 -4.50 21.61
C THR G 32 -10.91 -4.06 20.21
N TRP G 33 -12.22 -3.87 19.95
CA TRP G 33 -12.63 -3.09 18.79
C TRP G 33 -12.32 -1.59 18.98
N GLU G 34 -11.79 -0.97 17.92
CA GLU G 34 -11.35 0.43 17.95
C GLU G 34 -11.87 1.08 16.71
N PRO G 35 -12.37 2.32 16.85
CA PRO G 35 -12.78 3.04 15.66
C PRO G 35 -11.57 3.33 14.76
N GLU G 36 -11.82 3.48 13.44
CA GLU G 36 -10.75 3.69 12.45
C GLU G 36 -9.80 4.81 12.80
N GLU G 37 -10.36 5.91 13.32
CA GLU G 37 -9.54 7.13 13.68
C GLU G 37 -8.60 6.95 14.86
N ASN G 38 -8.79 5.90 15.64
CA ASN G 38 -7.81 5.48 16.65
C ASN G 38 -6.48 4.89 16.12
N LEU G 39 -6.44 4.51 14.85
CA LEU G 39 -5.28 3.82 14.24
C LEU G 39 -4.43 4.84 13.60
N ASP G 40 -3.14 4.68 13.72
CA ASP G 40 -2.20 5.57 13.08
C ASP G 40 -2.19 5.50 11.51
N CYS G 41 -2.65 4.42 10.91
CA CYS G 41 -2.66 4.28 9.44
C CYS G 41 -3.67 3.25 8.98
N PRO G 42 -4.97 3.50 9.16
CA PRO G 42 -6.03 2.58 8.68
C PRO G 42 -6.12 2.48 7.13
N GLU G 43 -5.53 3.45 6.42
CA GLU G 43 -5.35 3.43 4.97
C GLU G 43 -4.62 2.17 4.52
N LEU G 44 -3.69 1.71 5.32
CA LEU G 44 -2.94 0.53 5.00
C LEU G 44 -3.86 -0.67 4.98
N ILE G 45 -4.78 -0.75 5.95
CA ILE G 45 -5.73 -1.86 6.04
C ILE G 45 -6.71 -1.76 4.89
N GLU G 46 -7.21 -0.56 4.61
CA GLU G 46 -8.18 -0.38 3.51
C GLU G 46 -7.60 -0.62 2.11
N ALA G 47 -6.36 -0.18 1.89
CA ALA G 47 -5.61 -0.49 0.65
C ALA G 47 -5.42 -2.02 0.44
N PHE G 48 -5.01 -2.75 1.46
CA PHE G 48 -4.94 -4.20 1.39
C PHE G 48 -6.28 -4.82 0.98
N LEU G 49 -7.35 -4.38 1.64
CA LEU G 49 -8.66 -4.96 1.38
C LEU G 49 -9.19 -4.56 0.01
N ASN G 50 -9.01 -3.30 -0.39
CA ASN G 50 -9.53 -2.81 -1.68
C ASN G 50 -8.84 -3.45 -2.89
N SER G 51 -7.58 -3.81 -2.72
CA SER G 51 -6.74 -4.27 -3.80
C SER G 51 -7.10 -5.69 -4.25
N GLN G 52 -8.15 -6.24 -3.60
CA GLN G 52 -8.70 -7.60 -3.79
C GLN G 52 -10.18 -7.60 -4.23
N LYS G 53 -10.87 -6.47 -4.01
CA LYS G 53 -12.26 -6.22 -4.45
C LYS G 53 -12.36 -5.85 -5.95
N LYS H 1 8.40 -0.34 11.06
CA LYS H 1 7.56 0.65 11.71
C LYS H 1 6.77 -0.03 12.82
N VAL H 2 6.84 0.57 14.01
CA VAL H 2 6.06 0.23 15.20
C VAL H 2 4.76 1.04 15.10
N HIS H 3 3.65 0.37 14.83
CA HIS H 3 2.35 1.00 14.85
C HIS H 3 1.70 1.13 16.23
N ARG H 4 1.13 2.31 16.50
CA ARG H 4 0.45 2.65 17.74
C ARG H 4 -0.99 3.02 17.44
N ALA H 5 -1.88 2.88 18.43
CA ALA H 5 -3.29 3.20 18.30
C ALA H 5 -3.84 3.62 19.65
N ARG H 6 -4.91 4.41 19.63
CA ARG H 6 -5.51 4.86 20.85
C ARG H 6 -6.43 3.73 21.32
#